data_7LBX
#
_entry.id   7LBX
#
_cell.length_a   113.425
_cell.length_b   120.507
_cell.length_c   55.236
_cell.angle_alpha   90.000
_cell.angle_beta   90.000
_cell.angle_gamma   90.000
#
_symmetry.space_group_name_H-M   'P 21 21 2'
#
loop_
_entity.id
_entity.type
_entity.pdbx_description
1 polymer 'Transcription factor A, mitochondrial'
2 polymer "DNA (5'-D(P*TP*TP*AP*AP*CP*AP*GP*TP*CP*AP*CP*CP*CP*CP*CP*CP*AP*AP*CP*TP*AP*A)-3')"
3 polymer "DNA (5'-D(P*TP*TP*AP*GP*TP*TP*GP*GP*GP*GP*GP*GP*TP*GP*AP*CP*TP*GP*TP*TP*AP*A)-3')"
4 non-polymer 1,2-ETHANEDIOL
5 non-polymer 'MAGNESIUM ION'
6 water water
#
loop_
_entity_poly.entity_id
_entity_poly.type
_entity_poly.pdbx_seq_one_letter_code
_entity_poly.pdbx_strand_id
1 'polypeptide(L)'
;SSVLASCPKKPVSSYLRFSKEQLPIFKAQNPDAKTTELIRRIAQRWRELPDSKKKIYQDAYRAEWQVYKEEISRFKEQLT
PSQIMSLEKEIMDKHLKRKAMTKKKELTLLGKPKRPRSAYNVYVAERFQEAKGDSPQEKLKTVKENWKNLSDSEKELYIQ
HAKEDETRYHNEMKSWEEQMIEVGRKDLLRRTIKKQRKYGAEEC
;
A,B
2 'polydeoxyribonucleotide'
;(DT)(DT)(DA)(DA)(DC)(DA)(DG)(DT)(DC)(DA)(DC)(DC)(DC)(DC)(DC)(DC)(DA)(DA)(DC)(DT)
(DA)(DA)
;
C,E
3 'polydeoxyribonucleotide'
;(DT)(DT)(DA)(DG)(DT)(DT)(DG)(DG)(DG)(DG)(DG)(DG)(DT)(DG)(DA)(DC)(DT)(DG)(DT)(DT)
(DA)(DA)
;
D,F
#
loop_
_chem_comp.id
_chem_comp.type
_chem_comp.name
_chem_comp.formula
DA DNA linking 2'-DEOXYADENOSINE-5'-MONOPHOSPHATE 'C10 H14 N5 O6 P'
DC DNA linking 2'-DEOXYCYTIDINE-5'-MONOPHOSPHATE 'C9 H14 N3 O7 P'
DG DNA linking 2'-DEOXYGUANOSINE-5'-MONOPHOSPHATE 'C10 H14 N5 O7 P'
DT DNA linking THYMIDINE-5'-MONOPHOSPHATE 'C10 H15 N2 O8 P'
EDO non-polymer 1,2-ETHANEDIOL 'C2 H6 O2'
MG non-polymer 'MAGNESIUM ION' 'Mg 2'
#
# COMPACT_ATOMS: atom_id res chain seq x y z
N SER A 2 5.11 20.71 0.71
CA SER A 2 5.29 21.90 1.54
C SER A 2 6.56 21.73 2.36
N VAL A 3 6.54 20.88 3.42
CA VAL A 3 7.72 20.59 4.24
C VAL A 3 8.61 19.69 3.35
N LEU A 4 8.02 18.71 2.60
CA LEU A 4 8.78 17.87 1.66
C LEU A 4 9.35 18.70 0.53
N ALA A 5 8.63 19.71 0.04
CA ALA A 5 9.14 20.55 -1.06
C ALA A 5 10.40 21.33 -0.66
N SER A 6 10.44 21.82 0.59
CA SER A 6 11.59 22.57 1.12
C SER A 6 12.67 21.66 1.69
N CYS A 7 12.44 20.34 1.72
CA CYS A 7 13.38 19.39 2.27
C CYS A 7 14.59 19.27 1.34
N PRO A 8 15.84 19.36 1.86
CA PRO A 8 17.00 19.14 0.99
C PRO A 8 16.94 17.80 0.27
N LYS A 9 17.41 17.79 -0.98
CA LYS A 9 17.46 16.60 -1.84
C LYS A 9 18.85 16.03 -1.84
N LYS A 10 18.97 14.77 -2.23
CA LYS A 10 20.23 14.04 -2.23
C LYS A 10 21.08 14.50 -3.44
N PRO A 11 22.43 14.52 -3.36
CA PRO A 11 23.21 14.85 -4.56
C PRO A 11 23.04 13.79 -5.64
N VAL A 12 23.38 14.13 -6.88
CA VAL A 12 23.27 13.26 -8.06
C VAL A 12 24.59 12.50 -8.20
N SER A 13 24.56 11.15 -8.31
N SER A 13 24.51 11.19 -8.49
CA SER A 13 25.81 10.33 -8.43
CA SER A 13 25.75 10.35 -8.53
C SER A 13 26.63 10.64 -9.69
C SER A 13 26.66 10.69 -9.72
N SER A 14 27.85 10.09 -9.74
CA SER A 14 28.84 10.33 -10.82
C SER A 14 28.31 10.35 -12.28
N TYR A 15 27.65 9.26 -12.71
CA TYR A 15 27.17 9.09 -14.07
C TYR A 15 26.10 10.09 -14.44
N LEU A 16 25.07 10.22 -13.62
CA LEU A 16 23.97 11.16 -13.89
C LEU A 16 24.44 12.61 -14.05
N ARG A 17 25.55 13.03 -13.38
CA ARG A 17 26.14 14.38 -13.54
C ARG A 17 26.63 14.53 -14.96
N PHE A 18 27.37 13.53 -15.43
CA PHE A 18 27.90 13.44 -16.79
C PHE A 18 26.75 13.49 -17.81
N SER A 19 25.69 12.70 -17.55
CA SER A 19 24.51 12.60 -18.42
C SER A 19 23.79 13.93 -18.56
N LYS A 20 23.56 14.60 -17.43
CA LYS A 20 22.88 15.88 -17.40
C LYS A 20 23.58 16.87 -18.31
N GLU A 21 24.92 16.95 -18.20
CA GLU A 21 25.70 17.89 -19.00
C GLU A 21 25.83 17.43 -20.48
N GLN A 22 25.99 16.12 -20.74
CA GLN A 22 26.16 15.61 -22.10
C GLN A 22 24.89 15.55 -22.94
N LEU A 23 23.70 15.38 -22.32
CA LEU A 23 22.45 15.29 -23.08
C LEU A 23 22.23 16.52 -24.00
N PRO A 24 22.31 17.78 -23.51
CA PRO A 24 22.14 18.94 -24.41
C PRO A 24 23.08 19.01 -25.62
N ILE A 25 24.39 18.70 -25.42
CA ILE A 25 25.35 18.75 -26.53
C ILE A 25 25.08 17.58 -27.49
N PHE A 26 24.63 16.43 -26.98
CA PHE A 26 24.27 15.30 -27.84
C PHE A 26 23.01 15.63 -28.65
N LYS A 27 21.97 16.19 -27.97
CA LYS A 27 20.70 16.61 -28.58
C LYS A 27 20.94 17.66 -29.68
N ALA A 28 21.81 18.66 -29.43
CA ALA A 28 22.09 19.69 -30.42
C ALA A 28 22.68 19.10 -31.70
N GLN A 29 23.70 18.24 -31.58
CA GLN A 29 24.35 17.63 -32.75
C GLN A 29 23.46 16.60 -33.49
N ASN A 30 22.48 15.99 -32.80
CA ASN A 30 21.58 14.97 -33.39
C ASN A 30 20.13 15.37 -33.04
N PRO A 31 19.54 16.35 -33.77
CA PRO A 31 18.20 16.84 -33.39
C PRO A 31 17.05 15.86 -33.55
N ASP A 32 17.01 15.10 -34.67
CA ASP A 32 15.93 14.14 -34.95
C ASP A 32 16.17 12.73 -34.36
N ALA A 33 17.28 12.53 -33.61
CA ALA A 33 17.57 11.26 -32.93
C ALA A 33 16.76 11.24 -31.63
N LYS A 34 16.16 10.08 -31.30
CA LYS A 34 15.34 9.90 -30.11
C LYS A 34 16.24 9.90 -28.86
N THR A 35 15.71 10.37 -27.72
CA THR A 35 16.48 10.52 -26.47
C THR A 35 17.11 9.21 -26.00
N THR A 36 16.39 8.10 -26.17
CA THR A 36 16.88 6.77 -25.82
C THR A 36 18.20 6.49 -26.54
N GLU A 37 18.27 6.85 -27.86
CA GLU A 37 19.48 6.69 -28.71
C GLU A 37 20.64 7.51 -28.14
N LEU A 38 20.35 8.75 -27.70
CA LEU A 38 21.41 9.62 -27.16
C LEU A 38 21.97 9.02 -25.89
N ILE A 39 21.09 8.69 -24.92
CA ILE A 39 21.50 8.15 -23.61
C ILE A 39 22.33 6.88 -23.80
N ARG A 40 21.93 6.02 -24.77
CA ARG A 40 22.66 4.78 -25.09
C ARG A 40 24.10 5.11 -25.37
N ARG A 41 24.34 6.14 -26.22
CA ARG A 41 25.70 6.57 -26.59
C ARG A 41 26.38 7.31 -25.46
N ILE A 42 25.65 8.20 -24.71
CA ILE A 42 26.20 8.90 -23.55
C ILE A 42 26.75 7.85 -22.56
N ALA A 43 25.97 6.76 -22.29
CA ALA A 43 26.39 5.68 -21.40
C ALA A 43 27.65 5.02 -21.88
N GLN A 44 27.79 4.87 -23.22
CA GLN A 44 28.96 4.28 -23.85
C GLN A 44 30.13 5.20 -23.52
N ARG A 45 30.01 6.49 -23.87
CA ARG A 45 31.06 7.48 -23.61
C ARG A 45 31.49 7.44 -22.17
N TRP A 46 30.54 7.33 -21.22
CA TRP A 46 30.85 7.21 -19.79
C TRP A 46 31.69 5.96 -19.55
N ARG A 47 31.23 4.77 -19.99
CA ARG A 47 31.99 3.52 -19.83
C ARG A 47 33.36 3.58 -20.49
N GLU A 48 33.47 4.30 -21.64
CA GLU A 48 34.72 4.53 -22.37
C GLU A 48 35.56 5.68 -21.79
N LEU A 49 35.01 6.42 -20.80
CA LEU A 49 35.68 7.54 -20.15
C LEU A 49 36.79 6.99 -19.24
N PRO A 50 38.00 7.60 -19.24
CA PRO A 50 39.05 7.09 -18.33
C PRO A 50 38.71 7.35 -16.86
N ASP A 51 39.12 6.44 -15.95
CA ASP A 51 38.83 6.56 -14.52
C ASP A 51 39.41 7.82 -13.85
N SER A 52 40.41 8.48 -14.48
CA SER A 52 40.95 9.75 -13.99
C SER A 52 39.85 10.81 -14.10
N LYS A 53 39.06 10.75 -15.19
CA LYS A 53 37.98 11.68 -15.44
C LYS A 53 36.70 11.25 -14.70
N LYS A 54 36.35 9.95 -14.69
CA LYS A 54 35.17 9.48 -13.95
C LYS A 54 35.26 9.91 -12.51
N LYS A 55 36.48 9.83 -11.94
CA LYS A 55 36.76 10.16 -10.54
C LYS A 55 36.38 11.60 -10.22
N ILE A 56 36.73 12.53 -11.10
CA ILE A 56 36.42 13.97 -10.96
C ILE A 56 34.94 14.16 -10.67
N TYR A 57 34.07 13.49 -11.42
CA TYR A 57 32.63 13.55 -11.21
C TYR A 57 32.28 12.93 -9.85
N GLN A 58 32.95 11.83 -9.48
CA GLN A 58 32.69 11.17 -8.19
C GLN A 58 33.17 12.02 -6.99
N ASP A 59 34.31 12.71 -7.13
CA ASP A 59 34.81 13.57 -6.07
C ASP A 59 33.84 14.71 -5.79
N ALA A 60 33.27 15.33 -6.87
CA ALA A 60 32.25 16.37 -6.74
C ALA A 60 31.04 15.87 -5.94
N TYR A 61 30.61 14.66 -6.25
CA TYR A 61 29.50 14.02 -5.57
C TYR A 61 29.80 13.80 -4.08
N ARG A 62 31.00 13.27 -3.76
CA ARG A 62 31.39 13.00 -2.38
C ARG A 62 31.44 14.25 -1.54
N ALA A 63 32.01 15.31 -2.08
CA ALA A 63 32.05 16.59 -1.42
C ALA A 63 30.60 17.11 -1.27
N GLU A 64 29.71 16.94 -2.28
CA GLU A 64 28.30 17.39 -2.14
C GLU A 64 27.56 16.59 -1.10
N TRP A 65 27.85 15.30 -1.01
CA TRP A 65 27.25 14.45 0.02
C TRP A 65 27.49 15.03 1.44
N GLN A 66 28.66 15.63 1.69
CA GLN A 66 28.98 16.21 3.00
C GLN A 66 28.13 17.46 3.26
N VAL A 67 27.85 18.26 2.21
CA VAL A 67 26.97 19.43 2.33
C VAL A 67 25.56 18.92 2.67
N TYR A 68 25.07 17.90 1.92
CA TYR A 68 23.75 17.29 2.15
C TYR A 68 23.57 16.75 3.57
N LYS A 69 24.54 15.92 4.04
CA LYS A 69 24.55 15.38 5.40
C LYS A 69 24.34 16.51 6.43
N GLU A 70 24.94 17.69 6.18
CA GLU A 70 24.78 18.83 7.07
C GLU A 70 23.37 19.45 6.94
N GLU A 71 22.98 19.79 5.72
CA GLU A 71 21.70 20.42 5.37
C GLU A 71 20.49 19.61 5.86
N ILE A 72 20.49 18.27 5.65
CA ILE A 72 19.39 17.43 6.10
C ILE A 72 19.35 17.34 7.63
N SER A 73 20.53 17.23 8.29
CA SER A 73 20.62 17.22 9.77
C SER A 73 20.04 18.51 10.33
N ARG A 74 20.54 19.67 9.90
CA ARG A 74 20.02 20.97 10.33
C ARG A 74 18.53 21.09 10.06
N PHE A 75 18.07 20.71 8.84
CA PHE A 75 16.66 20.76 8.46
C PHE A 75 15.81 19.95 9.43
N LYS A 76 16.20 18.70 9.71
CA LYS A 76 15.41 17.84 10.59
C LYS A 76 15.39 18.30 12.03
N GLU A 77 16.47 18.93 12.52
CA GLU A 77 16.54 19.46 13.90
C GLU A 77 15.58 20.62 14.11
N GLN A 78 15.40 21.48 13.11
CA GLN A 78 14.50 22.63 13.21
C GLN A 78 13.02 22.28 12.95
N LEU A 79 12.71 21.04 12.49
CA LEU A 79 11.31 20.65 12.22
C LEU A 79 10.52 20.42 13.51
N THR A 80 9.28 20.99 13.60
CA THR A 80 8.42 20.76 14.76
C THR A 80 7.69 19.44 14.61
N PRO A 81 7.21 18.84 15.71
CA PRO A 81 6.47 17.57 15.61
C PRO A 81 5.39 17.52 14.52
N SER A 82 4.65 18.61 14.32
CA SER A 82 3.63 18.67 13.25
C SER A 82 4.27 18.66 11.87
N GLN A 83 5.42 19.32 11.73
CA GLN A 83 6.12 19.33 10.44
C GLN A 83 6.76 17.98 10.17
N ILE A 84 7.25 17.29 11.20
CA ILE A 84 7.82 15.97 11.01
C ILE A 84 6.72 15.08 10.53
N MET A 85 5.53 15.09 11.21
CA MET A 85 4.45 14.20 10.77
C MET A 85 3.92 14.63 9.40
N SER A 86 3.84 15.93 9.12
CA SER A 86 3.42 16.41 7.81
C SER A 86 4.37 15.87 6.74
N LEU A 87 5.71 15.96 6.95
CA LEU A 87 6.70 15.45 5.99
C LEU A 87 6.51 13.95 5.72
N GLU A 88 6.36 13.19 6.81
CA GLU A 88 6.11 11.75 6.77
C GLU A 88 4.83 11.44 6.00
N LYS A 89 3.80 12.27 6.19
CA LYS A 89 2.52 12.11 5.49
C LYS A 89 2.67 12.41 4.00
N GLU A 90 3.39 13.49 3.58
CA GLU A 90 3.55 13.80 2.13
C GLU A 90 4.36 12.72 1.46
N ILE A 91 5.45 12.22 2.12
CA ILE A 91 6.24 11.13 1.54
C ILE A 91 5.35 9.90 1.30
N MET A 92 4.61 9.44 2.32
CA MET A 92 3.74 8.28 2.19
C MET A 92 2.62 8.53 1.20
N ASP A 93 2.03 9.73 1.20
CA ASP A 93 0.99 10.04 0.20
C ASP A 93 1.53 9.95 -1.23
N LYS A 94 2.77 10.42 -1.46
CA LYS A 94 3.39 10.39 -2.79
C LYS A 94 3.62 8.94 -3.18
N HIS A 95 4.17 8.16 -2.26
CA HIS A 95 4.45 6.75 -2.45
C HIS A 95 3.20 5.97 -2.80
N LEU A 96 2.06 6.23 -2.13
CA LEU A 96 0.83 5.53 -2.43
C LEU A 96 0.28 5.91 -3.78
N LYS A 97 0.35 7.18 -4.19
CA LYS A 97 -0.15 7.57 -5.54
C LYS A 97 0.66 6.88 -6.63
N ARG A 98 1.98 6.79 -6.44
CA ARG A 98 2.88 6.14 -7.39
C ARG A 98 2.51 4.65 -7.53
N LYS A 99 2.42 3.96 -6.40
CA LYS A 99 2.04 2.55 -6.27
C LYS A 99 0.63 2.30 -6.86
N ALA A 100 -0.35 3.23 -6.67
CA ALA A 100 -1.70 3.11 -7.26
C ALA A 100 -1.58 3.15 -8.76
N MET A 101 -1.00 4.25 -9.29
CA MET A 101 -0.77 4.46 -10.73
C MET A 101 -0.07 3.30 -11.36
N THR A 102 0.94 2.76 -10.69
CA THR A 102 1.67 1.60 -11.20
C THR A 102 0.74 0.37 -11.33
N LYS A 103 0.01 0.00 -10.26
CA LYS A 103 -0.95 -1.13 -10.30
C LYS A 103 -2.09 -0.89 -11.35
N LYS A 104 -2.56 0.36 -11.55
CA LYS A 104 -3.56 0.64 -12.59
C LYS A 104 -2.95 0.37 -13.97
N LYS A 105 -1.67 0.70 -14.18
CA LYS A 105 -0.97 0.40 -15.44
C LYS A 105 -0.77 -1.12 -15.61
N GLU A 106 -0.36 -1.83 -14.56
N GLU A 106 -0.41 -1.82 -14.54
CA GLU A 106 -0.20 -3.30 -14.61
CA GLU A 106 -0.20 -3.29 -14.63
C GLU A 106 -1.50 -3.96 -15.01
C GLU A 106 -1.53 -3.96 -15.02
N LEU A 107 -2.61 -3.62 -14.32
CA LEU A 107 -3.93 -4.21 -14.57
C LEU A 107 -4.41 -3.96 -15.97
N THR A 108 -4.06 -2.82 -16.53
CA THR A 108 -4.38 -2.47 -17.92
C THR A 108 -3.58 -3.36 -18.91
N LEU A 109 -2.31 -3.65 -18.58
CA LEU A 109 -1.47 -4.50 -19.41
C LEU A 109 -1.94 -5.92 -19.33
N LEU A 110 -2.42 -6.36 -18.17
CA LEU A 110 -2.98 -7.70 -18.02
C LEU A 110 -4.35 -7.82 -18.72
N GLY A 111 -4.92 -6.71 -19.16
CA GLY A 111 -6.15 -6.70 -19.91
C GLY A 111 -7.38 -6.87 -19.05
N LYS A 112 -7.37 -6.24 -17.86
CA LYS A 112 -8.51 -6.34 -16.97
C LYS A 112 -9.69 -5.65 -17.59
N PRO A 113 -10.89 -6.30 -17.58
CA PRO A 113 -12.09 -5.65 -18.10
C PRO A 113 -12.44 -4.40 -17.32
N LYS A 114 -13.09 -3.49 -18.01
CA LYS A 114 -13.54 -2.23 -17.48
C LYS A 114 -14.71 -2.56 -16.60
N ARG A 115 -14.93 -1.84 -15.52
CA ARG A 115 -16.10 -2.05 -14.67
C ARG A 115 -17.41 -1.73 -15.44
N PRO A 116 -18.59 -2.10 -14.94
CA PRO A 116 -19.82 -1.82 -15.70
C PRO A 116 -20.08 -0.34 -15.96
N ARG A 117 -20.65 -0.03 -17.10
CA ARG A 117 -21.03 1.34 -17.45
C ARG A 117 -22.46 1.47 -17.02
N SER A 118 -22.78 2.46 -16.18
CA SER A 118 -24.15 2.70 -15.71
C SER A 118 -25.05 3.28 -16.81
N ALA A 119 -26.35 3.38 -16.55
CA ALA A 119 -27.27 4.02 -17.52
C ALA A 119 -26.86 5.48 -17.67
N TYR A 120 -26.42 6.11 -16.59
CA TYR A 120 -25.92 7.48 -16.61
C TYR A 120 -24.66 7.58 -17.50
N ASN A 121 -23.70 6.63 -17.36
CA ASN A 121 -22.48 6.63 -18.19
C ASN A 121 -22.81 6.57 -19.69
N VAL A 122 -23.78 5.73 -20.08
CA VAL A 122 -24.20 5.63 -21.47
C VAL A 122 -24.84 6.97 -21.90
N TYR A 123 -25.59 7.66 -20.98
CA TYR A 123 -26.16 8.99 -21.28
C TYR A 123 -25.04 10.01 -21.47
N VAL A 124 -24.02 9.99 -20.62
CA VAL A 124 -22.88 10.88 -20.78
C VAL A 124 -22.24 10.59 -22.15
N ALA A 125 -22.00 9.30 -22.49
CA ALA A 125 -21.35 8.88 -23.74
C ALA A 125 -22.11 9.30 -24.98
N GLU A 126 -23.43 9.01 -25.03
CA GLU A 126 -24.30 9.34 -26.16
C GLU A 126 -24.80 10.80 -26.16
N ARG A 127 -24.53 11.64 -25.11
CA ARG A 127 -25.02 13.04 -25.08
C ARG A 127 -24.01 14.10 -24.57
N PHE A 128 -22.68 13.81 -24.49
CA PHE A 128 -21.71 14.82 -24.00
C PHE A 128 -21.36 15.94 -24.99
N GLN A 129 -20.66 15.60 -26.11
CA GLN A 129 -20.17 16.58 -27.11
C GLN A 129 -21.28 17.50 -27.71
N GLU A 130 -22.51 16.98 -27.79
CA GLU A 130 -23.71 17.69 -28.27
C GLU A 130 -24.05 18.86 -27.34
N ALA A 131 -24.25 18.55 -26.05
CA ALA A 131 -24.67 19.50 -25.00
C ALA A 131 -23.83 20.80 -24.93
N LYS A 132 -24.52 21.95 -24.65
CA LYS A 132 -23.87 23.27 -24.53
C LYS A 132 -22.84 23.26 -23.40
N GLY A 133 -21.82 24.10 -23.54
CA GLY A 133 -20.77 24.22 -22.54
C GLY A 133 -19.51 24.77 -23.14
N ASP A 134 -18.90 25.75 -22.46
CA ASP A 134 -17.66 26.39 -22.92
C ASP A 134 -16.44 25.69 -22.23
N SER A 135 -16.63 24.46 -21.68
CA SER A 135 -15.58 23.69 -20.99
C SER A 135 -16.09 22.25 -20.77
N PRO A 136 -15.23 21.23 -20.55
CA PRO A 136 -15.75 19.87 -20.27
C PRO A 136 -16.52 19.82 -18.95
N GLN A 137 -16.05 20.58 -17.93
CA GLN A 137 -16.72 20.69 -16.63
C GLN A 137 -18.11 21.31 -16.83
N GLU A 138 -18.21 22.32 -17.69
CA GLU A 138 -19.49 22.96 -17.98
C GLU A 138 -20.41 22.04 -18.77
N LYS A 139 -19.82 21.24 -19.70
CA LYS A 139 -20.59 20.28 -20.53
C LYS A 139 -21.17 19.15 -19.68
N LEU A 140 -20.46 18.72 -18.61
CA LEU A 140 -20.96 17.67 -17.73
C LEU A 140 -22.15 18.14 -16.90
N LYS A 141 -22.11 19.40 -16.46
CA LYS A 141 -23.22 20.03 -15.72
C LYS A 141 -24.47 20.12 -16.59
N THR A 142 -24.31 20.43 -17.88
CA THR A 142 -25.45 20.46 -18.81
C THR A 142 -26.06 19.05 -18.99
N VAL A 143 -25.17 18.05 -19.16
CA VAL A 143 -25.55 16.64 -19.35
C VAL A 143 -26.24 16.12 -18.07
N LYS A 144 -25.70 16.50 -16.89
CA LYS A 144 -26.30 16.18 -15.60
C LYS A 144 -27.71 16.86 -15.53
N GLU A 145 -27.81 18.15 -15.92
CA GLU A 145 -29.13 18.79 -15.89
C GLU A 145 -30.12 18.08 -16.83
N ASN A 146 -29.67 17.67 -18.01
CA ASN A 146 -30.56 16.96 -18.92
C ASN A 146 -30.81 15.52 -18.47
N TRP A 147 -29.87 14.90 -17.74
CA TRP A 147 -30.06 13.56 -17.19
C TRP A 147 -31.20 13.58 -16.18
N LYS A 148 -31.27 14.63 -15.33
CA LYS A 148 -32.35 14.77 -14.36
C LYS A 148 -33.71 14.97 -15.10
N ASN A 149 -33.74 15.90 -16.07
CA ASN A 149 -34.95 16.21 -16.85
C ASN A 149 -35.41 15.07 -17.79
N LEU A 150 -34.57 14.02 -17.98
CA LEU A 150 -34.87 12.89 -18.86
C LEU A 150 -36.08 12.06 -18.42
N SER A 151 -37.07 11.91 -19.32
CA SER A 151 -38.33 11.15 -19.12
C SER A 151 -38.07 9.68 -18.82
N ASP A 152 -38.97 9.02 -18.07
CA ASP A 152 -38.83 7.61 -17.69
C ASP A 152 -38.77 6.65 -18.91
N SER A 153 -39.37 7.04 -20.03
CA SER A 153 -39.33 6.23 -21.25
C SER A 153 -37.93 6.26 -21.83
N GLU A 154 -37.30 7.46 -21.85
CA GLU A 154 -35.95 7.62 -22.37
C GLU A 154 -34.94 7.00 -21.43
N LYS A 155 -35.16 7.06 -20.10
CA LYS A 155 -34.27 6.43 -19.12
C LYS A 155 -34.23 4.91 -19.35
N GLU A 156 -35.34 4.30 -19.80
CA GLU A 156 -35.37 2.85 -20.07
C GLU A 156 -34.46 2.44 -21.27
N LEU A 157 -34.19 3.35 -22.21
CA LEU A 157 -33.29 3.16 -23.37
C LEU A 157 -31.83 2.99 -22.84
N TYR A 158 -31.46 3.83 -21.85
CA TYR A 158 -30.14 3.82 -21.22
C TYR A 158 -30.02 2.76 -20.15
N ILE A 159 -31.13 2.41 -19.47
CA ILE A 159 -31.13 1.35 -18.48
C ILE A 159 -30.89 0.05 -19.19
N GLN A 160 -31.47 -0.13 -20.38
CA GLN A 160 -31.26 -1.35 -21.16
C GLN A 160 -29.79 -1.49 -21.59
N HIS A 161 -29.20 -0.46 -22.23
CA HIS A 161 -27.80 -0.52 -22.63
C HIS A 161 -26.90 -0.89 -21.45
N ALA A 162 -27.11 -0.27 -20.27
CA ALA A 162 -26.39 -0.54 -19.02
C ALA A 162 -26.63 -1.97 -18.46
N LYS A 163 -27.76 -2.60 -18.82
CA LYS A 163 -28.10 -3.98 -18.44
C LYS A 163 -27.28 -4.90 -19.32
N GLU A 164 -27.15 -4.58 -20.63
CA GLU A 164 -26.31 -5.36 -21.56
C GLU A 164 -24.83 -5.24 -21.18
N ASP A 165 -24.41 -4.08 -20.63
CA ASP A 165 -23.01 -3.92 -20.24
C ASP A 165 -22.73 -4.64 -18.94
N GLU A 166 -23.75 -4.90 -18.09
CA GLU A 166 -23.54 -5.69 -16.88
C GLU A 166 -23.30 -7.11 -17.28
N THR A 167 -24.02 -7.61 -18.32
CA THR A 167 -23.80 -8.96 -18.83
C THR A 167 -22.40 -9.06 -19.40
N ARG A 168 -21.97 -8.02 -20.17
CA ARG A 168 -20.62 -8.09 -20.75
C ARG A 168 -19.52 -7.99 -19.70
N TYR A 169 -19.77 -7.33 -18.53
CA TYR A 169 -18.79 -7.29 -17.45
C TYR A 169 -18.66 -8.67 -16.81
N HIS A 170 -19.79 -9.35 -16.55
CA HIS A 170 -19.72 -10.64 -15.88
C HIS A 170 -19.07 -11.70 -16.77
N ASN A 171 -19.32 -11.65 -18.09
CA ASN A 171 -18.68 -12.58 -19.02
C ASN A 171 -17.20 -12.28 -19.15
N GLU A 172 -16.84 -10.99 -19.32
CA GLU A 172 -15.42 -10.59 -19.43
C GLU A 172 -14.63 -10.87 -18.17
N MET A 173 -15.25 -10.64 -17.00
CA MET A 173 -14.58 -10.94 -15.75
C MET A 173 -14.37 -12.42 -15.56
N LYS A 174 -15.29 -13.27 -16.00
CA LYS A 174 -15.09 -14.71 -15.85
C LYS A 174 -13.87 -15.15 -16.66
N SER A 175 -13.76 -14.74 -17.94
CA SER A 175 -12.60 -15.12 -18.78
C SER A 175 -11.31 -14.56 -18.28
N TRP A 176 -11.31 -13.29 -17.86
CA TRP A 176 -10.11 -12.65 -17.36
C TRP A 176 -9.68 -13.31 -16.06
N GLU A 177 -10.60 -13.50 -15.11
CA GLU A 177 -10.27 -14.17 -13.87
C GLU A 177 -9.78 -15.62 -14.09
N GLU A 178 -10.43 -16.37 -15.00
CA GLU A 178 -9.95 -17.72 -15.40
C GLU A 178 -8.51 -17.63 -15.92
N GLN A 179 -8.29 -16.74 -16.89
CA GLN A 179 -6.97 -16.49 -17.46
C GLN A 179 -5.99 -16.15 -16.35
N MET A 180 -6.40 -15.29 -15.38
CA MET A 180 -5.47 -14.88 -14.32
C MET A 180 -5.08 -16.04 -13.41
N ILE A 181 -6.02 -16.95 -13.06
CA ILE A 181 -5.65 -18.14 -12.27
C ILE A 181 -4.48 -18.87 -13.01
N GLU A 182 -4.67 -19.11 -14.34
CA GLU A 182 -3.71 -19.81 -15.20
C GLU A 182 -2.36 -19.10 -15.27
N VAL A 183 -2.34 -17.76 -15.32
CA VAL A 183 -1.07 -17.02 -15.36
C VAL A 183 -0.40 -16.98 -13.96
N GLY A 184 -1.00 -17.65 -12.95
CA GLY A 184 -0.48 -17.65 -11.58
C GLY A 184 -0.70 -16.32 -10.86
N ARG A 185 -1.94 -15.76 -10.90
CA ARG A 185 -2.25 -14.49 -10.24
C ARG A 185 -3.65 -14.53 -9.59
N LYS A 186 -3.91 -15.58 -8.77
CA LYS A 186 -5.15 -15.75 -7.99
C LYS A 186 -5.38 -14.54 -7.04
N ASP A 187 -4.28 -13.81 -6.63
CA ASP A 187 -4.33 -12.60 -5.79
C ASP A 187 -5.21 -11.48 -6.41
N LEU A 188 -5.33 -11.44 -7.76
CA LEU A 188 -6.12 -10.45 -8.50
C LEU A 188 -7.62 -10.73 -8.52
N LEU A 189 -8.03 -11.96 -8.18
CA LEU A 189 -9.43 -12.37 -8.20
C LEU A 189 -10.30 -11.68 -7.15
N ARG A 190 -11.58 -11.45 -7.48
CA ARG A 190 -12.54 -10.90 -6.52
C ARG A 190 -12.71 -11.88 -5.33
N ARG A 191 -12.51 -11.40 -4.08
CA ARG A 191 -12.65 -12.21 -2.87
C ARG A 191 -14.07 -12.01 -2.31
N SER B 2 -3.14 10.71 20.43
CA SER B 2 -3.74 10.22 19.19
C SER B 2 -5.11 10.85 18.95
N VAL B 3 -5.25 11.66 17.87
CA VAL B 3 -6.53 12.30 17.49
C VAL B 3 -7.60 11.23 17.20
N LEU B 4 -7.21 10.20 16.46
CA LEU B 4 -8.06 9.08 16.06
C LEU B 4 -8.64 8.34 17.24
N ALA B 5 -7.90 8.20 18.33
CA ALA B 5 -8.40 7.47 19.51
C ALA B 5 -9.62 8.16 20.13
N SER B 6 -9.60 9.50 20.18
CA SER B 6 -10.69 10.30 20.73
C SER B 6 -11.79 10.60 19.70
N CYS B 7 -11.61 10.18 18.45
CA CYS B 7 -12.56 10.44 17.39
C CYS B 7 -13.81 9.60 17.59
N PRO B 8 -15.02 10.19 17.48
CA PRO B 8 -16.24 9.36 17.56
C PRO B 8 -16.22 8.25 16.50
N LYS B 9 -16.63 7.02 16.87
CA LYS B 9 -16.64 5.88 15.95
C LYS B 9 -18.04 5.70 15.48
N LYS B 10 -18.20 5.21 14.22
CA LYS B 10 -19.50 5.05 13.62
C LYS B 10 -20.36 3.96 14.37
N PRO B 11 -21.68 4.15 14.48
CA PRO B 11 -22.51 3.17 15.19
C PRO B 11 -22.44 1.76 14.63
N VAL B 12 -22.71 0.76 15.50
CA VAL B 12 -22.70 -0.60 15.00
C VAL B 12 -24.04 -0.89 14.32
N SER B 13 -24.00 -1.60 13.13
CA SER B 13 -25.20 -1.94 12.36
C SER B 13 -26.03 -2.96 13.16
N SER B 14 -27.29 -3.14 12.75
CA SER B 14 -28.28 -4.02 13.39
C SER B 14 -27.77 -5.42 13.78
N TYR B 15 -27.11 -6.17 12.85
CA TYR B 15 -26.64 -7.51 13.23
C TYR B 15 -25.64 -7.44 14.38
N LEU B 16 -24.62 -6.61 14.26
CA LEU B 16 -23.60 -6.47 15.29
C LEU B 16 -24.17 -6.03 16.64
N ARG B 17 -25.28 -5.28 16.66
CA ARG B 17 -25.88 -4.90 17.94
C ARG B 17 -26.41 -6.16 18.63
N PHE B 18 -27.16 -6.99 17.85
CA PHE B 18 -27.70 -8.28 18.27
C PHE B 18 -26.59 -9.15 18.79
N SER B 19 -25.48 -9.22 18.04
CA SER B 19 -24.31 -10.04 18.37
C SER B 19 -23.69 -9.63 19.70
N LYS B 20 -23.48 -8.32 19.88
CA LYS B 20 -22.86 -7.78 21.08
C LYS B 20 -23.65 -8.22 22.28
N GLU B 21 -24.98 -8.11 22.21
N GLU B 21 -24.99 -8.15 22.19
CA GLU B 21 -25.87 -8.46 23.36
CA GLU B 21 -25.85 -8.47 23.36
C GLU B 21 -25.95 -9.98 23.54
C GLU B 21 -25.94 -9.99 23.55
N GLN B 22 -25.97 -10.75 22.45
CA GLN B 22 -26.13 -12.21 22.56
C GLN B 22 -24.92 -12.93 22.99
N LEU B 23 -23.74 -12.49 22.55
CA LEU B 23 -22.51 -13.20 22.85
C LEU B 23 -22.37 -13.53 24.35
N PRO B 24 -22.52 -12.57 25.30
CA PRO B 24 -22.45 -12.93 26.74
C PRO B 24 -23.44 -14.02 27.21
N ILE B 25 -24.68 -14.00 26.68
CA ILE B 25 -25.72 -15.00 27.03
C ILE B 25 -25.26 -16.34 26.51
N PHE B 26 -24.87 -16.40 25.22
CA PHE B 26 -24.40 -17.64 24.62
C PHE B 26 -23.17 -18.18 25.34
N LYS B 27 -22.21 -17.28 25.69
CA LYS B 27 -21.00 -17.67 26.40
C LYS B 27 -21.31 -18.24 27.80
N ALA B 28 -22.22 -17.61 28.55
CA ALA B 28 -22.60 -18.10 29.88
C ALA B 28 -23.19 -19.50 29.81
N GLN B 29 -24.14 -19.72 28.90
CA GLN B 29 -24.83 -21.01 28.74
C GLN B 29 -23.93 -22.13 28.14
N ASN B 30 -22.86 -21.77 27.42
CA ASN B 30 -21.94 -22.72 26.79
C ASN B 30 -20.50 -22.25 27.10
N PRO B 31 -19.99 -22.52 28.32
CA PRO B 31 -18.67 -21.98 28.72
C PRO B 31 -17.46 -22.53 27.97
N ASP B 32 -17.42 -23.85 27.71
CA ASP B 32 -16.30 -24.49 27.01
C ASP B 32 -16.41 -24.48 25.45
N ALA B 33 -17.38 -23.70 24.86
CA ALA B 33 -17.54 -23.58 23.40
C ALA B 33 -16.66 -22.49 22.82
N LYS B 34 -16.10 -22.75 21.61
CA LYS B 34 -15.25 -21.76 20.92
C LYS B 34 -16.12 -20.58 20.56
N THR B 35 -15.58 -19.36 20.65
CA THR B 35 -16.32 -18.16 20.25
C THR B 35 -16.84 -18.27 18.81
N THR B 36 -16.06 -18.86 17.92
CA THR B 36 -16.44 -19.07 16.52
C THR B 36 -17.75 -19.84 16.44
N GLU B 37 -17.87 -20.91 17.24
CA GLU B 37 -19.05 -21.76 17.27
C GLU B 37 -20.29 -20.98 17.79
N LEU B 38 -20.08 -20.04 18.74
CA LEU B 38 -21.17 -19.25 19.29
C LEU B 38 -21.66 -18.20 18.28
N ILE B 39 -20.74 -17.51 17.63
CA ILE B 39 -21.09 -16.53 16.59
C ILE B 39 -21.85 -17.23 15.45
N ARG B 40 -21.41 -18.43 15.05
CA ARG B 40 -22.12 -19.21 14.02
C ARG B 40 -23.63 -19.39 14.43
N ARG B 41 -23.90 -19.76 15.69
CA ARG B 41 -25.27 -19.95 16.20
C ARG B 41 -25.98 -18.61 16.34
N ILE B 42 -25.27 -17.57 16.83
CA ILE B 42 -25.84 -16.23 16.93
C ILE B 42 -26.30 -15.77 15.53
N ALA B 43 -25.44 -15.95 14.49
CA ALA B 43 -25.77 -15.57 13.11
C ALA B 43 -27.01 -16.29 12.61
N GLN B 44 -27.21 -17.53 13.05
CA GLN B 44 -28.39 -18.29 12.64
C GLN B 44 -29.59 -17.76 13.38
N ARG B 45 -29.48 -17.44 14.69
CA ARG B 45 -30.63 -16.89 15.41
C ARG B 45 -31.04 -15.57 14.73
N TRP B 46 -30.02 -14.77 14.27
CA TRP B 46 -30.28 -13.51 13.54
C TRP B 46 -31.06 -13.79 12.26
N ARG B 47 -30.55 -14.72 11.43
CA ARG B 47 -31.22 -15.11 10.18
C ARG B 47 -32.65 -15.54 10.45
N GLU B 48 -32.82 -16.36 11.50
CA GLU B 48 -34.13 -16.87 11.89
C GLU B 48 -35.04 -15.80 12.54
N LEU B 49 -34.49 -14.62 12.98
CA LEU B 49 -35.27 -13.55 13.64
C LEU B 49 -36.26 -12.88 12.68
N PRO B 50 -37.56 -12.72 13.03
CA PRO B 50 -38.51 -12.05 12.10
C PRO B 50 -38.12 -10.60 11.81
N ASP B 51 -38.41 -10.12 10.58
CA ASP B 51 -38.06 -8.75 10.17
C ASP B 51 -38.69 -7.64 11.03
N SER B 52 -39.79 -7.95 11.78
CA SER B 52 -40.39 -6.99 12.71
C SER B 52 -39.38 -6.71 13.84
N LYS B 53 -38.67 -7.77 14.26
CA LYS B 53 -37.67 -7.68 15.31
C LYS B 53 -36.34 -7.16 14.76
N LYS B 54 -35.93 -7.54 13.53
CA LYS B 54 -34.67 -6.99 12.98
C LYS B 54 -34.79 -5.46 12.79
N LYS B 55 -35.98 -4.97 12.41
CA LYS B 55 -36.29 -3.55 12.18
C LYS B 55 -36.07 -2.73 13.47
N ILE B 56 -36.32 -3.35 14.66
CA ILE B 56 -36.08 -2.70 15.97
C ILE B 56 -34.61 -2.41 16.14
N TYR B 57 -33.74 -3.37 15.80
CA TYR B 57 -32.30 -3.17 15.86
C TYR B 57 -31.86 -2.15 14.81
N GLN B 58 -32.48 -2.17 13.63
CA GLN B 58 -32.16 -1.18 12.59
C GLN B 58 -32.62 0.26 12.96
N ASP B 59 -33.77 0.39 13.62
CA ASP B 59 -34.24 1.70 14.05
C ASP B 59 -33.28 2.30 15.06
N ALA B 60 -32.79 1.49 16.01
CA ALA B 60 -31.78 1.92 17.01
C ALA B 60 -30.53 2.45 16.31
N TYR B 61 -30.09 1.75 15.29
CA TYR B 61 -28.93 2.13 14.49
C TYR B 61 -29.17 3.46 13.77
N ARG B 62 -30.34 3.63 13.13
CA ARG B 62 -30.67 4.86 12.41
C ARG B 62 -30.70 6.07 13.32
N ALA B 63 -31.32 5.93 14.48
CA ALA B 63 -31.36 6.97 15.47
C ALA B 63 -29.92 7.22 15.96
N GLU B 64 -29.12 6.15 16.21
CA GLU B 64 -27.72 6.31 16.65
C GLU B 64 -26.86 7.03 15.58
N TRP B 65 -27.12 6.77 14.28
CA TRP B 65 -26.46 7.44 13.17
C TRP B 65 -26.65 8.98 13.24
N GLN B 66 -27.82 9.45 13.70
CA GLN B 66 -28.08 10.89 13.82
C GLN B 66 -27.25 11.50 14.95
N VAL B 67 -27.02 10.75 16.05
CA VAL B 67 -26.17 11.19 17.17
C VAL B 67 -24.75 11.28 16.62
N TYR B 68 -24.27 10.24 15.91
CA TYR B 68 -22.93 10.20 15.31
C TYR B 68 -22.67 11.37 14.36
N LYS B 69 -23.60 11.61 13.44
CA LYS B 69 -23.47 12.74 12.48
C LYS B 69 -23.20 14.01 13.26
N GLU B 70 -23.91 14.20 14.38
CA GLU B 70 -23.72 15.39 15.20
C GLU B 70 -22.33 15.40 15.88
N GLU B 71 -21.98 14.28 16.57
CA GLU B 71 -20.74 14.13 17.33
C GLU B 71 -19.50 14.29 16.44
N ILE B 72 -19.50 13.67 15.23
CA ILE B 72 -18.37 13.78 14.30
C ILE B 72 -18.27 15.21 13.76
N SER B 73 -19.41 15.88 13.46
CA SER B 73 -19.41 17.28 12.99
C SER B 73 -18.78 18.18 14.04
N ARG B 74 -19.27 18.09 15.30
CA ARG B 74 -18.72 18.86 16.42
C ARG B 74 -17.21 18.60 16.56
N PHE B 75 -16.82 17.34 16.59
CA PHE B 75 -15.43 16.93 16.71
C PHE B 75 -14.54 17.54 15.62
N LYS B 76 -14.97 17.42 14.35
CA LYS B 76 -14.17 17.93 13.24
C LYS B 76 -14.06 19.44 13.22
N GLU B 77 -15.08 20.18 13.71
CA GLU B 77 -15.05 21.65 13.78
C GLU B 77 -14.01 22.15 14.77
N GLN B 78 -13.82 21.45 15.89
CA GLN B 78 -12.84 21.86 16.91
C GLN B 78 -11.40 21.38 16.61
N LEU B 79 -11.20 20.53 15.56
CA LEU B 79 -9.85 20.06 15.22
C LEU B 79 -9.00 21.12 14.52
N THR B 80 -7.74 21.20 14.90
CA THR B 80 -6.74 22.09 14.35
C THR B 80 -6.21 21.59 12.99
N PRO B 81 -5.74 22.43 12.06
CA PRO B 81 -5.12 21.88 10.85
C PRO B 81 -4.11 20.74 11.08
N SER B 82 -3.28 20.85 12.12
CA SER B 82 -2.33 19.79 12.46
C SER B 82 -3.03 18.53 12.95
N GLN B 83 -4.11 18.69 13.70
CA GLN B 83 -4.88 17.54 14.19
C GLN B 83 -5.66 16.90 13.06
N ILE B 84 -6.15 17.68 12.10
CA ILE B 84 -6.84 17.11 10.95
C ILE B 84 -5.86 16.27 10.20
N MET B 85 -4.71 16.85 9.89
CA MET B 85 -3.67 16.16 9.13
C MET B 85 -3.14 14.94 9.88
N SER B 86 -3.00 15.02 11.20
CA SER B 86 -2.59 13.90 12.05
C SER B 86 -3.62 12.81 11.99
N LEU B 87 -4.93 13.11 12.12
CA LEU B 87 -6.01 12.10 12.07
C LEU B 87 -5.99 11.33 10.74
N GLU B 88 -5.89 12.07 9.63
CA GLU B 88 -5.79 11.50 8.28
C GLU B 88 -4.56 10.56 8.17
N LYS B 89 -3.44 10.97 8.78
CA LYS B 89 -2.22 10.17 8.78
C LYS B 89 -2.42 8.93 9.64
N GLU B 90 -3.13 9.06 10.78
CA GLU B 90 -3.35 7.93 11.70
C GLU B 90 -4.22 6.85 11.09
N ILE B 91 -5.26 7.27 10.39
CA ILE B 91 -6.17 6.38 9.66
C ILE B 91 -5.40 5.62 8.58
N MET B 92 -4.64 6.34 7.72
CA MET B 92 -3.87 5.68 6.67
C MET B 92 -2.77 4.81 7.27
N ASP B 93 -2.11 5.25 8.33
CA ASP B 93 -1.08 4.41 8.98
C ASP B 93 -1.67 3.10 9.51
N LYS B 94 -2.89 3.15 10.07
CA LYS B 94 -3.55 1.96 10.61
C LYS B 94 -3.87 1.03 9.46
N HIS B 95 -4.44 1.59 8.39
CA HIS B 95 -4.80 0.84 7.19
C HIS B 95 -3.59 0.13 6.59
N LEU B 96 -2.44 0.80 6.51
CA LEU B 96 -1.25 0.17 5.95
C LEU B 96 -0.69 -0.92 6.83
N LYS B 97 -0.71 -0.72 8.16
CA LYS B 97 -0.24 -1.72 9.14
C LYS B 97 -1.11 -3.00 9.08
N ARG B 98 -2.43 -2.85 8.86
CA ARG B 98 -3.37 -3.96 8.74
C ARG B 98 -3.02 -4.77 7.49
N LYS B 99 -2.88 -4.08 6.34
CA LYS B 99 -2.51 -4.67 5.05
C LYS B 99 -1.12 -5.33 5.12
N ALA B 100 -0.17 -4.75 5.83
CA ALA B 100 1.15 -5.38 5.99
C ALA B 100 1.01 -6.68 6.77
N MET B 101 0.44 -6.60 7.98
CA MET B 101 0.19 -7.74 8.86
C MET B 101 -0.56 -8.84 8.18
N THR B 102 -1.55 -8.51 7.40
CA THR B 102 -2.31 -9.50 6.64
C THR B 102 -1.40 -10.30 5.70
N LYS B 103 -0.51 -9.61 4.96
CA LYS B 103 0.44 -10.30 4.09
C LYS B 103 1.47 -11.08 4.92
N LYS B 104 1.91 -10.56 6.08
CA LYS B 104 2.87 -11.30 6.90
C LYS B 104 2.26 -12.58 7.45
N LYS B 105 0.99 -12.54 7.90
CA LYS B 105 0.28 -13.72 8.44
C LYS B 105 0.10 -14.80 7.39
N GLU B 106 -0.23 -14.40 6.17
CA GLU B 106 -0.49 -15.25 5.03
C GLU B 106 0.75 -16.01 4.70
N LEU B 107 1.86 -15.32 4.55
CA LEU B 107 3.14 -15.98 4.26
C LEU B 107 3.46 -16.98 5.34
N THR B 108 3.13 -16.65 6.59
CA THR B 108 3.36 -17.56 7.71
C THR B 108 2.45 -18.79 7.63
N LEU B 109 1.16 -18.55 7.23
CA LEU B 109 0.14 -19.58 7.03
C LEU B 109 0.59 -20.53 5.93
N LEU B 110 1.07 -19.94 4.83
CA LEU B 110 1.53 -20.67 3.66
C LEU B 110 2.83 -21.40 3.92
N GLY B 111 3.47 -21.14 5.05
CA GLY B 111 4.69 -21.83 5.45
C GLY B 111 5.92 -21.32 4.73
N LYS B 112 6.01 -20.00 4.51
CA LYS B 112 7.17 -19.43 3.83
C LYS B 112 8.38 -19.58 4.75
N PRO B 113 9.54 -20.00 4.24
CA PRO B 113 10.69 -20.13 5.13
C PRO B 113 11.25 -18.76 5.49
N LYS B 114 12.10 -18.73 6.54
CA LYS B 114 12.78 -17.51 6.98
C LYS B 114 13.87 -17.24 5.96
N ARG B 115 14.27 -15.99 5.82
CA ARG B 115 15.34 -15.60 4.89
C ARG B 115 16.72 -16.12 5.40
N PRO B 116 17.81 -15.97 4.61
CA PRO B 116 19.13 -16.36 5.10
C PRO B 116 19.67 -15.39 6.17
N ARG B 117 20.24 -15.93 7.26
CA ARG B 117 20.75 -15.15 8.41
C ARG B 117 22.26 -14.97 8.30
N SER B 118 22.77 -13.74 8.57
CA SER B 118 24.19 -13.39 8.44
C SER B 118 25.09 -13.86 9.60
N ALA B 119 26.41 -13.70 9.43
CA ALA B 119 27.42 -14.03 10.44
C ALA B 119 27.11 -13.31 11.78
N TYR B 120 26.74 -12.00 11.71
CA TYR B 120 26.35 -11.23 12.89
C TYR B 120 25.12 -11.87 13.57
N ASN B 121 24.10 -12.29 12.79
CA ASN B 121 22.90 -12.95 13.33
C ASN B 121 23.25 -14.25 14.04
N VAL B 122 23.99 -15.16 13.35
CA VAL B 122 24.36 -16.45 13.97
C VAL B 122 25.22 -16.23 15.22
N TYR B 123 25.99 -15.12 15.28
CA TYR B 123 26.77 -14.76 16.47
C TYR B 123 25.84 -14.35 17.62
N VAL B 124 24.88 -13.44 17.39
CA VAL B 124 23.97 -13.03 18.47
C VAL B 124 23.02 -14.18 18.85
N ALA B 125 22.77 -15.15 17.94
CA ALA B 125 21.95 -16.33 18.29
C ALA B 125 22.63 -17.23 19.35
N GLU B 126 23.95 -17.45 19.25
CA GLU B 126 24.70 -18.32 20.19
C GLU B 126 25.18 -17.67 21.50
N ARG B 127 25.45 -16.34 21.51
CA ARG B 127 26.01 -15.64 22.68
C ARG B 127 25.09 -14.58 23.34
N PHE B 128 23.81 -14.44 22.92
CA PHE B 128 22.91 -13.46 23.56
C PHE B 128 22.72 -13.81 25.03
N GLN B 129 22.50 -15.11 25.36
CA GLN B 129 22.31 -15.56 26.74
C GLN B 129 23.43 -15.08 27.62
N GLU B 130 24.68 -15.44 27.26
CA GLU B 130 25.88 -15.06 28.01
C GLU B 130 26.10 -13.54 28.13
N ALA B 131 25.51 -12.73 27.23
CA ALA B 131 25.67 -11.27 27.23
C ALA B 131 25.14 -10.58 28.50
N LYS B 132 25.94 -9.65 29.05
CA LYS B 132 25.65 -8.91 30.28
C LYS B 132 24.56 -7.84 30.06
N GLY B 133 23.58 -7.80 30.97
CA GLY B 133 22.47 -6.86 30.93
C GLY B 133 21.21 -7.47 31.50
N ASP B 134 20.32 -6.63 32.09
CA ASP B 134 19.05 -7.08 32.67
C ASP B 134 17.87 -6.52 31.87
N SER B 135 18.02 -6.52 30.53
CA SER B 135 17.01 -6.10 29.57
C SER B 135 17.42 -6.68 28.22
N PRO B 136 16.49 -7.06 27.29
CA PRO B 136 16.93 -7.59 25.99
C PRO B 136 17.65 -6.53 25.16
N GLN B 137 17.28 -5.26 25.32
CA GLN B 137 17.88 -4.14 24.59
C GLN B 137 19.29 -3.86 25.09
N GLU B 138 19.47 -3.81 26.43
CA GLU B 138 20.78 -3.55 27.06
C GLU B 138 21.75 -4.68 26.79
N LYS B 139 21.30 -5.95 26.98
CA LYS B 139 22.19 -7.10 26.81
C LYS B 139 22.50 -7.39 25.33
N LEU B 140 21.68 -6.88 24.39
CA LEU B 140 21.98 -7.02 22.96
C LEU B 140 23.08 -5.99 22.60
N LYS B 141 23.04 -4.79 23.24
CA LYS B 141 24.05 -3.74 23.02
C LYS B 141 25.48 -4.21 23.40
N THR B 142 25.62 -5.04 24.46
CA THR B 142 26.94 -5.54 24.86
C THR B 142 27.52 -6.54 23.84
N VAL B 143 26.70 -7.15 22.95
CA VAL B 143 27.20 -8.09 21.92
C VAL B 143 27.69 -7.32 20.69
N LYS B 144 27.25 -6.06 20.50
CA LYS B 144 27.63 -5.22 19.34
C LYS B 144 29.03 -4.72 19.45
N GLU B 145 29.33 -4.14 20.61
CA GLU B 145 30.67 -3.63 20.90
C GLU B 145 31.64 -4.82 21.01
N ASN B 146 31.15 -6.02 21.44
CA ASN B 146 31.94 -7.26 21.47
C ASN B 146 32.07 -7.86 20.04
N TRP B 147 31.02 -7.73 19.18
CA TRP B 147 31.06 -8.16 17.77
C TRP B 147 32.15 -7.35 17.06
N LYS B 148 32.27 -6.03 17.36
CA LYS B 148 33.30 -5.16 16.78
C LYS B 148 34.69 -5.58 17.26
N ASN B 149 34.82 -5.79 18.60
CA ASN B 149 36.09 -6.21 19.22
C ASN B 149 36.53 -7.65 18.87
N LEU B 150 35.65 -8.44 18.22
CA LEU B 150 35.93 -9.80 17.76
C LEU B 150 36.98 -9.75 16.64
N SER B 151 38.10 -10.49 16.77
CA SER B 151 39.15 -10.51 15.74
C SER B 151 38.63 -11.13 14.46
N ASP B 152 39.10 -10.65 13.30
CA ASP B 152 38.63 -11.18 12.02
C ASP B 152 38.91 -12.69 11.85
N SER B 153 39.97 -13.25 12.51
CA SER B 153 40.27 -14.68 12.44
C SER B 153 39.17 -15.51 13.11
N GLU B 154 38.72 -15.13 14.32
CA GLU B 154 37.64 -15.83 15.02
C GLU B 154 36.24 -15.40 14.50
N LYS B 155 36.16 -14.28 13.74
CA LYS B 155 34.92 -13.82 13.11
C LYS B 155 34.60 -14.74 11.91
N GLU B 156 35.65 -15.29 11.26
CA GLU B 156 35.51 -16.23 10.14
C GLU B 156 34.82 -17.56 10.56
N LEU B 157 34.83 -17.91 11.86
CA LEU B 157 34.22 -19.15 12.34
C LEU B 157 32.69 -19.13 12.20
N TYR B 158 32.09 -17.93 12.32
CA TYR B 158 30.64 -17.74 12.20
C TYR B 158 30.17 -17.61 10.75
N ILE B 159 30.99 -17.06 9.84
CA ILE B 159 30.62 -16.93 8.43
C ILE B 159 30.54 -18.30 7.74
N GLN B 160 31.30 -19.32 8.21
CA GLN B 160 31.22 -20.66 7.62
C GLN B 160 29.89 -21.28 8.04
N HIS B 161 29.51 -21.13 9.31
CA HIS B 161 28.24 -21.66 9.84
C HIS B 161 27.04 -20.86 9.29
N ALA B 162 27.25 -19.61 8.87
CA ALA B 162 26.14 -18.85 8.25
C ALA B 162 25.78 -19.53 6.92
N LYS B 163 26.77 -19.77 6.06
CA LYS B 163 26.53 -20.43 4.74
C LYS B 163 26.02 -21.85 4.94
N GLU B 164 26.40 -22.53 6.02
CA GLU B 164 25.80 -23.87 6.28
C GLU B 164 24.27 -23.72 6.26
N ASP B 165 23.74 -22.73 6.99
CA ASP B 165 22.27 -22.47 7.06
C ASP B 165 21.70 -22.02 5.71
N GLU B 166 22.46 -21.25 4.93
CA GLU B 166 21.93 -20.69 3.65
C GLU B 166 21.48 -21.81 2.72
N THR B 167 22.24 -22.91 2.66
CA THR B 167 21.88 -24.05 1.78
C THR B 167 20.54 -24.65 2.22
N ARG B 168 20.31 -24.77 3.53
CA ARG B 168 19.03 -25.29 4.05
C ARG B 168 17.90 -24.36 3.59
N TYR B 169 18.13 -23.05 3.65
CA TYR B 169 17.08 -22.06 3.29
C TYR B 169 16.68 -22.30 1.83
N HIS B 170 17.65 -22.53 0.95
CA HIS B 170 17.35 -22.74 -0.50
C HIS B 170 16.48 -23.99 -0.67
N ASN B 171 16.78 -25.08 0.04
CA ASN B 171 16.01 -26.34 -0.10
C ASN B 171 14.57 -26.13 0.35
N GLU B 172 14.37 -25.46 1.49
CA GLU B 172 13.00 -25.17 1.99
C GLU B 172 12.30 -24.23 1.00
N MET B 173 13.02 -23.23 0.50
CA MET B 173 12.41 -22.24 -0.43
C MET B 173 11.95 -22.99 -1.68
N LYS B 174 12.77 -23.93 -2.14
CA LYS B 174 12.41 -24.66 -3.38
C LYS B 174 11.11 -25.41 -3.12
N SER B 175 11.01 -26.13 -1.99
CA SER B 175 9.80 -26.96 -1.73
C SER B 175 8.57 -26.05 -1.59
N TRP B 176 8.71 -24.94 -0.87
CA TRP B 176 7.56 -24.01 -0.67
C TRP B 176 7.12 -23.39 -1.99
N GLU B 177 8.07 -22.98 -2.84
CA GLU B 177 7.71 -22.27 -4.10
C GLU B 177 6.99 -23.20 -5.06
N GLU B 178 7.35 -24.49 -5.06
CA GLU B 178 6.62 -25.47 -5.91
C GLU B 178 5.21 -25.65 -5.36
N GLN B 179 5.08 -25.70 -4.03
CA GLN B 179 3.78 -25.88 -3.39
C GLN B 179 2.89 -24.64 -3.59
N MET B 180 3.50 -23.45 -3.83
CA MET B 180 2.82 -22.18 -4.08
C MET B 180 2.37 -22.03 -5.52
N ILE B 181 3.13 -22.60 -6.49
CA ILE B 181 2.69 -22.55 -7.89
C ILE B 181 1.42 -23.45 -8.07
N GLU B 182 1.19 -24.45 -7.17
CA GLU B 182 -0.05 -25.24 -7.08
C GLU B 182 -1.22 -24.34 -6.60
N VAL B 183 -0.96 -23.42 -5.64
CA VAL B 183 -1.95 -22.44 -5.17
C VAL B 183 -2.20 -21.52 -6.37
N GLY B 184 -1.13 -21.20 -7.10
CA GLY B 184 -1.20 -20.40 -8.32
C GLY B 184 -0.90 -18.96 -8.01
N ARG B 185 0.30 -18.72 -7.47
CA ARG B 185 0.70 -17.41 -7.03
C ARG B 185 2.12 -17.01 -7.43
N LYS B 186 2.26 -16.48 -8.66
CA LYS B 186 3.49 -15.87 -9.17
C LYS B 186 3.68 -14.54 -8.43
N ASP B 187 2.58 -13.98 -7.80
CA ASP B 187 2.69 -12.74 -7.04
C ASP B 187 3.65 -12.88 -5.85
N LEU B 188 3.73 -14.10 -5.24
CA LEU B 188 4.61 -14.39 -4.11
C LEU B 188 6.07 -14.68 -4.52
N LEU B 189 6.38 -14.87 -5.83
CA LEU B 189 7.73 -15.15 -6.35
C LEU B 189 8.28 -13.88 -7.02
N ARG B 190 9.56 -13.92 -7.48
CA ARG B 190 10.17 -12.85 -8.27
C ARG B 190 10.99 -13.45 -9.41
C1 EDO G . -0.18 7.55 3.95
O1 EDO G . -1.39 8.06 4.38
C2 EDO G . 0.80 7.68 5.13
O2 EDO G . 0.97 6.41 5.65
C1 EDO H . 10.77 24.26 7.51
O1 EDO H . 10.05 24.88 6.51
C2 EDO H . 11.16 25.34 8.53
O2 EDO H . 10.26 26.40 8.34
C1 EDO I . -0.24 17.21 15.84
O1 EDO I . -1.10 16.12 16.03
C2 EDO I . 1.19 16.81 15.79
O2 EDO I . 1.44 15.59 16.43
C1 EDO J . -24.21 9.27 5.19
O1 EDO J . -25.26 8.43 5.55
C2 EDO J . -24.53 10.64 5.83
O2 EDO J . -25.86 10.58 6.24
C1 EDO K . 14.04 -20.78 -5.57
O1 EDO K . 13.39 -21.92 -5.07
C2 EDO K . 13.90 -19.60 -4.69
O2 EDO K . 13.83 -19.95 -3.32
MG MG L . 15.95 5.16 -15.19
MG MG M . -1.05 12.96 -14.19
#